data_2W2Q
#
_entry.id   2W2Q
#
_cell.length_a   88.370
_cell.length_b   88.370
_cell.length_c   218.403
_cell.angle_alpha   90.00
_cell.angle_beta   90.00
_cell.angle_gamma   90.00
#
_symmetry.space_group_name_H-M   'P 43 21 2'
#
loop_
_entity.id
_entity.type
_entity.pdbx_description
1 polymer 'PROPROTEIN CONVERTASE SUBTILISIN/KEXIN TYPE 9'
2 polymer 'LOW-DENSITY LIPOPROTEIN RECEPTOR'
3 polymer 'PROPROTEIN CONVERTASE SUBTILISIN/KEXIN TYPE 9'
4 non-polymer 'CALCIUM ION'
5 water water
#
loop_
_entity_poly.entity_id
_entity_poly.type
_entity_poly.pdbx_seq_one_letter_code
_entity_poly.pdbx_strand_id
1 'polypeptide(L)'
;SIPWNLERITPPRYRADEYQPPDGGSLVEVYLLDTSIQSDHREIEGRVMVTDFENVPEEDGTRFHRQASKCDSHGTHLAG
VVSGRDAGVAKGASMRSLRVLNCQGKGTVSGTLIGLEFIRKSQLVQPVGPLVVLLPLAGGYSRVLNAACQRLARAGVVLV
TAAGNFRDDACLYSPASAPEVITVGATNAQDQPVTLGTLGTNFGRCVDLFAPGEDIIGASSHCSTCFVSQSGTSQAAAHV
AGIAAMMLSAEPELTLAELRQRLIHFSAKDVINEAWFPEDQRVLTPNLVAALPPSTHGAAGTAAASHHHHHH
;
A
2 'polypeptide(L)'
;MKHHHHHHPMSDYDIPTTENLYFQGAMGTNECLDNNGGCSHVCNDLKIGYECLCPDGFQLVAQRRCEDIDECQDPDTCSQ
LCVNLEGGYKCQCEEGFQLDPHTKACK
;
E
3 'polypeptide(L)'
;MKGSKGSKGSKPMSAEAPEHGTTATFHRCAKDPWRLPGTYVVVLKEETHLSQSERTARRLQAQAARRGYLTKILHVFHGL
LPGFLVKMSGDLLELALKLPHVDYIEEDSSVFAQ
;
P
#
# COMPACT_ATOMS: atom_id res chain seq x y z
N SER A 1 4.11 4.44 28.11
CA SER A 1 2.86 3.70 27.72
C SER A 1 3.12 2.82 26.49
N ILE A 2 2.04 2.36 25.88
CA ILE A 2 2.12 1.66 24.60
C ILE A 2 1.04 2.24 23.68
N PRO A 3 1.38 2.48 22.40
CA PRO A 3 0.43 3.07 21.44
C PRO A 3 -0.97 2.43 21.47
N TRP A 4 -2.00 3.27 21.45
CA TRP A 4 -3.39 2.81 21.55
C TRP A 4 -3.71 1.71 20.54
N ASN A 5 -3.09 1.80 19.37
CA ASN A 5 -3.39 0.94 18.24
C ASN A 5 -2.84 -0.48 18.35
N LEU A 6 -1.69 -0.62 19.01
CA LEU A 6 -1.06 -1.92 19.24
C LEU A 6 -1.81 -2.64 20.35
N GLU A 7 -2.24 -1.85 21.33
CA GLU A 7 -3.10 -2.31 22.40
C GLU A 7 -4.42 -2.86 21.83
N ARG A 8 -5.02 -2.10 20.91
CA ARG A 8 -6.32 -2.44 20.33
C ARG A 8 -6.36 -3.76 19.54
N ILE A 9 -5.26 -4.10 18.89
CA ILE A 9 -5.18 -5.33 18.08
C ILE A 9 -4.73 -6.55 18.89
N THR A 10 -4.28 -6.29 20.12
CA THR A 10 -3.83 -7.33 21.03
C THR A 10 -4.98 -7.73 21.95
N PRO A 11 -5.49 -8.98 21.77
CA PRO A 11 -6.63 -9.49 22.55
C PRO A 11 -6.27 -9.73 24.02
N PRO A 12 -7.23 -9.51 24.95
CA PRO A 12 -7.03 -9.75 26.38
C PRO A 12 -6.37 -11.10 26.70
N ARG A 13 -6.87 -12.18 26.11
CA ARG A 13 -6.33 -13.52 26.34
C ARG A 13 -5.13 -13.80 25.44
N SER A 26 9.86 -16.06 10.83
CA SER A 26 11.21 -16.36 10.33
C SER A 26 11.27 -16.35 8.80
N LEU A 27 10.43 -17.19 8.19
CA LEU A 27 10.45 -17.37 6.74
C LEU A 27 9.62 -16.33 5.98
N VAL A 28 8.83 -15.53 6.70
CA VAL A 28 7.96 -14.53 6.09
C VAL A 28 8.75 -13.35 5.52
N GLU A 29 8.40 -12.95 4.30
CA GLU A 29 8.91 -11.72 3.74
C GLU A 29 7.75 -10.76 3.48
N VAL A 30 7.94 -9.50 3.88
CA VAL A 30 6.94 -8.46 3.66
C VAL A 30 7.48 -7.42 2.67
N TYR A 31 6.81 -7.30 1.53
CA TYR A 31 7.16 -6.30 0.53
C TYR A 31 6.32 -5.05 0.69
N LEU A 32 6.99 -3.90 0.61
CA LEU A 32 6.32 -2.61 0.65
C LEU A 32 6.59 -1.86 -0.65
N LEU A 33 5.51 -1.57 -1.38
CA LEU A 33 5.58 -0.66 -2.53
C LEU A 33 5.05 0.69 -2.09
N ASP A 34 5.94 1.66 -1.95
CA ASP A 34 5.59 2.95 -1.38
C ASP A 34 6.62 3.98 -1.82
N THR A 35 6.78 5.03 -1.02
CA THR A 35 7.80 6.04 -1.23
C THR A 35 9.18 5.45 -0.93
N SER A 36 10.21 6.28 -1.04
CA SER A 36 11.51 5.92 -0.47
C SER A 36 11.37 5.84 1.05
N ILE A 37 12.31 5.16 1.68
CA ILE A 37 12.28 4.94 3.11
C ILE A 37 13.64 5.29 3.71
N GLN A 38 13.65 5.74 4.96
CA GLN A 38 14.90 5.93 5.69
C GLN A 38 15.22 4.60 6.35
N SER A 39 15.96 3.76 5.63
CA SER A 39 16.19 2.37 6.02
C SER A 39 17.05 2.21 7.28
N ASP A 40 17.83 3.24 7.59
CA ASP A 40 18.67 3.19 8.77
C ASP A 40 18.01 3.80 10.02
N HIS A 41 16.72 4.11 9.95
CA HIS A 41 15.98 4.57 11.13
C HIS A 41 16.07 3.48 12.20
N ARG A 42 16.23 3.90 13.46
CA ARG A 42 16.41 2.97 14.58
C ARG A 42 15.35 1.86 14.63
N GLU A 43 14.13 2.20 14.22
CA GLU A 43 12.98 1.28 14.24
C GLU A 43 13.14 0.09 13.31
N ILE A 44 13.81 0.32 12.18
CA ILE A 44 13.84 -0.65 11.08
C ILE A 44 15.24 -1.00 10.58
N GLU A 45 16.25 -0.27 11.07
CA GLU A 45 17.62 -0.46 10.64
C GLU A 45 18.04 -1.92 10.68
N GLY A 46 18.64 -2.38 9.57
CA GLY A 46 19.08 -3.77 9.44
C GLY A 46 17.98 -4.80 9.22
N ARG A 47 16.74 -4.33 9.12
CA ARG A 47 15.61 -5.25 9.04
C ARG A 47 14.80 -5.06 7.74
N VAL A 48 14.86 -3.86 7.20
CA VAL A 48 14.25 -3.57 5.91
C VAL A 48 15.34 -3.39 4.86
N MET A 49 15.33 -4.28 3.85
CA MET A 49 16.21 -4.18 2.69
C MET A 49 15.59 -3.28 1.62
N VAL A 50 16.36 -2.27 1.19
CA VAL A 50 15.97 -1.42 0.08
C VAL A 50 16.41 -2.08 -1.23
N THR A 51 15.43 -2.53 -2.00
CA THR A 51 15.69 -3.13 -3.31
C THR A 51 16.10 -2.02 -4.29
N ASP A 52 16.63 -2.42 -5.44
CA ASP A 52 17.01 -1.46 -6.48
C ASP A 52 15.83 -0.96 -7.31
N PHE A 53 14.63 -1.49 -7.06
CA PHE A 53 13.46 -1.09 -7.83
C PHE A 53 13.00 0.36 -7.58
N GLU A 54 12.94 1.12 -8.66
CA GLU A 54 12.39 2.45 -8.66
C GLU A 54 11.66 2.73 -9.98
N ASN A 55 10.37 2.98 -9.88
CA ASN A 55 9.59 3.52 -11.00
C ASN A 55 8.60 4.56 -10.48
N VAL A 56 8.99 5.83 -10.60
CA VAL A 56 8.17 6.94 -10.10
C VAL A 56 8.03 8.04 -11.17
N PRO A 57 6.88 8.74 -11.17
CA PRO A 57 6.73 9.92 -12.03
C PRO A 57 7.51 11.15 -11.52
N GLU A 58 7.74 12.10 -12.42
CA GLU A 58 8.36 13.39 -12.10
C GLU A 58 7.51 14.18 -11.11
N GLU A 59 8.16 14.74 -10.07
CA GLU A 59 7.49 15.63 -9.13
C GLU A 59 6.96 16.85 -9.87
N ASP A 60 5.70 17.23 -9.59
CA ASP A 60 5.10 18.41 -10.23
C ASP A 60 4.84 19.54 -9.24
N SER A 69 14.04 13.36 3.37
CA SER A 69 13.45 13.60 4.69
C SER A 69 11.93 13.66 4.61
N LYS A 70 11.43 14.46 3.67
CA LYS A 70 10.00 14.49 3.38
C LYS A 70 9.60 13.45 2.33
N CYS A 71 10.51 13.13 1.40
CA CYS A 71 10.27 12.06 0.40
C CYS A 71 9.99 10.72 1.05
N ASP A 72 10.64 10.44 2.17
CA ASP A 72 10.52 9.15 2.82
C ASP A 72 9.57 9.06 4.00
N SER A 73 8.87 10.15 4.33
CA SER A 73 7.99 10.14 5.51
C SER A 73 6.93 9.04 5.47
N HIS A 74 6.22 8.95 4.34
CA HIS A 74 5.12 7.99 4.20
C HIS A 74 5.61 6.54 4.35
N GLY A 75 6.60 6.15 3.56
CA GLY A 75 7.13 4.79 3.57
C GLY A 75 7.87 4.41 4.84
N THR A 76 8.63 5.35 5.41
CA THR A 76 9.36 5.11 6.67
C THR A 76 8.40 4.80 7.84
N HIS A 77 7.30 5.55 7.90
CA HIS A 77 6.28 5.39 8.95
C HIS A 77 5.61 4.03 8.86
N LEU A 78 5.25 3.64 7.63
CA LEU A 78 4.58 2.38 7.36
C LEU A 78 5.47 1.17 7.61
N ALA A 79 6.75 1.28 7.25
CA ALA A 79 7.75 0.26 7.57
C ALA A 79 7.78 0.06 9.08
N GLY A 80 7.74 1.17 9.81
CA GLY A 80 7.70 1.18 11.27
C GLY A 80 6.46 0.51 11.85
N VAL A 81 5.29 0.84 11.28
CA VAL A 81 4.03 0.26 11.74
C VAL A 81 4.06 -1.27 11.62
N VAL A 82 4.57 -1.76 10.50
CA VAL A 82 4.66 -3.20 10.27
C VAL A 82 5.69 -3.87 11.19
N SER A 83 6.90 -3.33 11.26
CA SER A 83 8.03 -4.06 11.84
C SER A 83 8.92 -3.30 12.83
N GLY A 84 8.57 -2.05 13.15
CA GLY A 84 9.35 -1.24 14.07
C GLY A 84 9.57 -1.92 15.42
N ARG A 85 10.79 -1.83 15.93
CA ARG A 85 11.12 -2.54 17.16
C ARG A 85 10.36 -2.04 18.40
N ASP A 86 10.13 -0.74 18.49
CA ASP A 86 9.35 -0.19 19.60
C ASP A 86 7.86 -0.09 19.33
N ALA A 87 7.49 0.29 18.11
CA ALA A 87 6.11 0.67 17.78
C ALA A 87 5.46 -0.17 16.70
N GLY A 88 6.12 -1.25 16.29
CA GLY A 88 5.62 -2.09 15.20
C GLY A 88 4.66 -3.18 15.65
N VAL A 89 3.88 -3.69 14.71
CA VAL A 89 2.96 -4.80 14.97
C VAL A 89 3.74 -6.11 15.00
N ALA A 90 4.57 -6.33 13.98
CA ALA A 90 5.43 -7.50 13.88
C ALA A 90 6.91 -7.11 14.06
N LYS A 91 7.26 -6.76 15.29
CA LYS A 91 8.58 -6.21 15.65
C LYS A 91 9.80 -6.90 15.01
N GLY A 92 9.78 -8.22 14.95
CA GLY A 92 10.77 -8.94 14.15
C GLY A 92 10.80 -8.55 12.67
N ALA A 93 9.66 -8.72 12.00
CA ALA A 93 9.52 -8.84 10.54
C ALA A 93 10.62 -8.30 9.62
N SER A 94 11.10 -9.16 8.73
CA SER A 94 11.97 -8.76 7.64
C SER A 94 11.13 -8.11 6.54
N MET A 95 11.62 -7.01 5.98
CA MET A 95 10.90 -6.29 4.92
C MET A 95 11.79 -5.97 3.73
N ARG A 96 11.17 -5.91 2.55
CA ARG A 96 11.81 -5.44 1.33
C ARG A 96 10.99 -4.31 0.73
N SER A 97 11.64 -3.18 0.44
CA SER A 97 10.91 -2.02 -0.07
C SER A 97 11.21 -1.70 -1.54
N LEU A 98 10.14 -1.38 -2.27
CA LEU A 98 10.22 -0.93 -3.67
C LEU A 98 9.71 0.49 -3.72
N ARG A 99 10.31 1.32 -4.55
CA ARG A 99 9.83 2.69 -4.70
C ARG A 99 8.91 2.84 -5.91
N VAL A 100 7.64 3.14 -5.64
CA VAL A 100 6.65 3.40 -6.71
C VAL A 100 5.96 4.76 -6.54
N LEU A 101 6.27 5.45 -5.44
CA LEU A 101 5.70 6.77 -5.14
C LEU A 101 6.79 7.81 -5.03
N ASN A 102 6.61 8.95 -5.69
CA ASN A 102 7.61 10.03 -5.67
C ASN A 102 7.60 10.83 -4.35
N CYS A 103 8.28 11.97 -4.31
CA CYS A 103 8.42 12.75 -3.08
C CYS A 103 7.10 13.35 -2.59
N GLN A 104 6.17 13.54 -3.53
CA GLN A 104 4.82 14.05 -3.22
C GLN A 104 3.82 12.91 -2.94
N GLY A 105 4.31 11.68 -2.90
CA GLY A 105 3.48 10.51 -2.64
C GLY A 105 2.67 10.07 -3.84
N LYS A 106 3.15 10.37 -5.04
CA LYS A 106 2.43 10.08 -6.27
C LYS A 106 3.11 9.01 -7.14
N GLY A 107 2.33 8.05 -7.60
CA GLY A 107 2.82 7.01 -8.50
C GLY A 107 1.94 6.83 -9.73
N THR A 108 2.27 5.82 -10.52
CA THR A 108 1.46 5.47 -11.69
C THR A 108 0.98 4.02 -11.58
N VAL A 109 -0.07 3.69 -12.31
CA VAL A 109 -0.53 2.29 -12.40
C VAL A 109 0.58 1.43 -13.06
N SER A 110 1.18 1.93 -14.12
CA SER A 110 2.20 1.19 -14.87
C SER A 110 3.45 0.90 -14.04
N GLY A 111 3.94 1.91 -13.32
CA GLY A 111 5.05 1.74 -12.38
C GLY A 111 4.75 0.73 -11.29
N THR A 112 3.51 0.77 -10.78
CA THR A 112 3.04 -0.22 -9.81
C THR A 112 2.95 -1.63 -10.41
N LEU A 113 2.52 -1.75 -11.67
CA LEU A 113 2.51 -3.03 -12.38
C LEU A 113 3.91 -3.63 -12.53
N ILE A 114 4.88 -2.80 -12.91
CA ILE A 114 6.27 -3.20 -13.07
C ILE A 114 6.88 -3.60 -11.72
N GLY A 115 6.48 -2.91 -10.66
CA GLY A 115 6.88 -3.25 -9.30
C GLY A 115 6.39 -4.62 -8.87
N LEU A 116 5.11 -4.88 -9.10
CA LEU A 116 4.49 -6.17 -8.82
C LEU A 116 5.13 -7.28 -9.65
N GLU A 117 5.50 -6.96 -10.88
CA GLU A 117 6.22 -7.88 -11.76
C GLU A 117 7.60 -8.21 -11.19
N PHE A 118 8.27 -7.20 -10.63
CA PHE A 118 9.56 -7.36 -9.95
C PHE A 118 9.46 -8.32 -8.76
N ILE A 119 8.33 -8.25 -8.04
CA ILE A 119 8.09 -9.11 -6.88
C ILE A 119 7.85 -10.57 -7.32
N ARG A 120 7.05 -10.74 -8.36
CA ARG A 120 6.78 -12.07 -8.92
C ARG A 120 8.08 -12.82 -9.23
N LYS A 121 9.03 -12.13 -9.87
CA LYS A 121 10.37 -12.67 -10.13
C LYS A 121 11.13 -13.03 -8.84
N SER A 122 11.05 -12.16 -7.83
CA SER A 122 11.70 -12.40 -6.54
C SER A 122 11.15 -13.67 -5.87
N GLN A 123 9.82 -13.81 -5.90
CA GLN A 123 9.13 -15.00 -5.39
C GLN A 123 9.70 -16.28 -6.00
N LEU A 124 10.39 -16.15 -7.14
CA LEU A 124 11.01 -17.29 -7.81
C LEU A 124 12.55 -17.32 -7.70
N VAL A 125 13.16 -16.15 -7.47
CA VAL A 125 14.63 -16.04 -7.39
C VAL A 125 15.16 -16.50 -6.02
N GLN A 126 14.62 -15.93 -4.94
CA GLN A 126 14.94 -16.39 -3.58
C GLN A 126 13.73 -17.00 -2.86
N PRO A 127 13.37 -18.25 -3.23
CA PRO A 127 12.22 -18.94 -2.65
C PRO A 127 12.61 -19.88 -1.48
N VAL A 128 11.64 -20.38 -0.71
CA VAL A 128 10.22 -20.05 -0.82
C VAL A 128 9.82 -19.06 0.28
N GLY A 129 8.98 -19.52 1.22
CA GLY A 129 8.51 -18.69 2.33
C GLY A 129 7.23 -17.95 2.02
N PRO A 130 6.45 -17.61 3.07
CA PRO A 130 5.23 -16.81 2.91
C PRO A 130 5.56 -15.41 2.39
N LEU A 131 4.70 -14.90 1.51
CA LEU A 131 4.91 -13.58 0.92
C LEU A 131 3.72 -12.67 1.19
N VAL A 132 3.99 -11.55 1.88
CA VAL A 132 2.98 -10.51 2.10
C VAL A 132 3.39 -9.26 1.33
N VAL A 133 2.45 -8.69 0.60
CA VAL A 133 2.67 -7.47 -0.18
C VAL A 133 1.76 -6.36 0.33
N LEU A 134 2.37 -5.31 0.86
CA LEU A 134 1.63 -4.15 1.34
C LEU A 134 1.61 -3.08 0.25
N LEU A 135 0.40 -2.71 -0.15
CA LEU A 135 0.16 -1.72 -1.20
C LEU A 135 -0.64 -0.56 -0.63
N PRO A 136 0.02 0.36 0.09
CA PRO A 136 -0.69 1.42 0.83
C PRO A 136 -0.99 2.65 -0.04
N LEU A 137 -1.61 2.40 -1.18
CA LEU A 137 -1.86 3.44 -2.18
C LEU A 137 -3.21 3.17 -2.81
N ALA A 138 -3.71 4.15 -3.56
CA ALA A 138 -4.93 3.98 -4.33
C ALA A 138 -4.94 4.92 -5.51
N GLY A 139 -5.48 4.43 -6.62
CA GLY A 139 -5.90 5.27 -7.74
C GLY A 139 -7.34 4.92 -8.02
N GLY A 140 -7.90 5.42 -9.12
CA GLY A 140 -9.25 5.04 -9.52
C GLY A 140 -9.30 3.59 -9.97
N TYR A 141 -10.50 3.01 -10.07
CA TYR A 141 -10.63 1.62 -10.50
C TYR A 141 -9.74 1.35 -11.73
N SER A 142 -8.96 0.28 -11.65
CA SER A 142 -8.07 -0.09 -12.75
C SER A 142 -8.22 -1.58 -13.06
N ARG A 143 -8.71 -1.88 -14.25
CA ARG A 143 -8.90 -3.27 -14.68
C ARG A 143 -7.58 -4.05 -14.67
N VAL A 144 -6.51 -3.44 -15.17
CA VAL A 144 -5.20 -4.11 -15.24
C VAL A 144 -4.52 -4.29 -13.88
N LEU A 145 -4.59 -3.28 -13.02
CA LEU A 145 -4.00 -3.37 -11.69
C LEU A 145 -4.71 -4.46 -10.87
N ASN A 146 -6.03 -4.49 -10.94
CA ASN A 146 -6.82 -5.53 -10.32
C ASN A 146 -6.45 -6.93 -10.84
N ALA A 147 -6.25 -7.04 -12.15
CA ALA A 147 -5.89 -8.32 -12.78
C ALA A 147 -4.48 -8.78 -12.38
N ALA A 148 -3.56 -7.84 -12.30
CA ALA A 148 -2.20 -8.12 -11.81
C ALA A 148 -2.22 -8.58 -10.36
N CYS A 149 -3.08 -7.97 -9.55
CA CYS A 149 -3.23 -8.37 -8.16
C CYS A 149 -3.86 -9.76 -8.02
N GLN A 150 -4.91 -9.99 -8.81
CA GLN A 150 -5.60 -11.28 -8.85
C GLN A 150 -4.66 -12.43 -9.23
N ARG A 151 -3.82 -12.20 -10.23
CA ARG A 151 -2.84 -13.18 -10.68
C ARG A 151 -1.81 -13.52 -9.58
N LEU A 152 -1.29 -12.49 -8.94
CA LEU A 152 -0.32 -12.63 -7.85
C LEU A 152 -0.93 -13.35 -6.64
N ALA A 153 -2.17 -13.03 -6.29
CA ALA A 153 -2.88 -13.73 -5.22
C ALA A 153 -3.09 -15.21 -5.54
N ARG A 154 -3.31 -15.50 -6.81
CA ARG A 154 -3.48 -16.89 -7.27
C ARG A 154 -2.19 -17.69 -7.20
N ALA A 155 -1.06 -16.99 -7.12
CA ALA A 155 0.24 -17.61 -6.89
C ALA A 155 0.59 -17.72 -5.41
N GLY A 156 -0.39 -17.48 -4.53
CA GLY A 156 -0.23 -17.70 -3.10
C GLY A 156 0.13 -16.48 -2.27
N VAL A 157 0.32 -15.35 -2.94
CA VAL A 157 0.74 -14.12 -2.28
C VAL A 157 -0.39 -13.47 -1.49
N VAL A 158 -0.06 -12.93 -0.33
CA VAL A 158 -1.01 -12.19 0.50
C VAL A 158 -0.85 -10.70 0.21
N LEU A 159 -1.82 -10.14 -0.51
CA LEU A 159 -1.81 -8.72 -0.84
C LEU A 159 -2.74 -7.94 0.09
N VAL A 160 -2.19 -6.93 0.77
CA VAL A 160 -2.97 -6.06 1.64
C VAL A 160 -2.92 -4.64 1.08
N THR A 161 -4.09 -4.01 0.95
CA THR A 161 -4.15 -2.66 0.43
C THR A 161 -4.97 -1.71 1.32
N ALA A 162 -4.81 -0.42 1.06
CA ALA A 162 -5.61 0.63 1.68
C ALA A 162 -6.95 0.73 0.97
N ALA A 163 -8.03 0.95 1.73
CA ALA A 163 -9.36 1.14 1.14
C ALA A 163 -9.50 2.49 0.46
N GLY A 164 -8.74 3.49 0.93
CA GLY A 164 -8.82 4.83 0.39
C GLY A 164 -9.36 5.81 1.40
N ASN A 165 -8.91 7.07 1.27
CA ASN A 165 -9.22 8.12 2.23
C ASN A 165 -10.20 9.14 1.66
N PHE A 166 -11.25 8.66 0.99
CA PHE A 166 -12.12 9.54 0.21
C PHE A 166 -13.56 9.63 0.69
N ARG A 167 -13.85 9.01 1.83
CA ARG A 167 -15.23 8.78 2.32
C ARG A 167 -16.16 8.37 1.18
N ASP A 168 -15.78 7.28 0.52
CA ASP A 168 -16.41 6.87 -0.74
C ASP A 168 -16.51 5.34 -0.82
N ASP A 169 -17.21 4.85 -1.83
CA ASP A 169 -17.27 3.42 -2.13
C ASP A 169 -15.90 2.94 -2.61
N ALA A 170 -15.34 1.95 -1.89
CA ALA A 170 -14.00 1.44 -2.18
C ALA A 170 -13.91 0.71 -3.53
N CYS A 171 -15.06 0.36 -4.09
CA CYS A 171 -15.13 -0.34 -5.38
C CYS A 171 -14.78 0.56 -6.56
N LEU A 172 -14.66 1.86 -6.30
CA LEU A 172 -14.28 2.84 -7.33
C LEU A 172 -12.77 3.09 -7.39
N TYR A 173 -12.01 2.39 -6.54
CA TYR A 173 -10.58 2.61 -6.41
C TYR A 173 -9.81 1.30 -6.58
N SER A 174 -8.57 1.40 -7.05
CA SER A 174 -7.67 0.25 -7.14
C SER A 174 -6.36 0.52 -6.41
N PRO A 175 -5.72 -0.54 -5.86
CA PRO A 175 -6.20 -1.94 -5.86
C PRO A 175 -7.30 -2.31 -4.84
N ALA A 176 -7.90 -1.31 -4.19
CA ALA A 176 -8.98 -1.54 -3.21
C ALA A 176 -10.10 -2.47 -3.70
N SER A 177 -10.54 -2.27 -4.93
CA SER A 177 -11.68 -2.98 -5.52
C SER A 177 -11.39 -4.43 -5.91
N ALA A 178 -10.13 -4.85 -5.82
CA ALA A 178 -9.75 -6.23 -6.16
C ALA A 178 -10.21 -7.21 -5.07
N PRO A 179 -11.12 -8.14 -5.41
CA PRO A 179 -11.63 -9.09 -4.41
C PRO A 179 -10.61 -10.11 -3.88
N GLU A 180 -9.49 -10.28 -4.59
CA GLU A 180 -8.46 -11.22 -4.14
CA GLU A 180 -8.41 -11.20 -4.20
C GLU A 180 -7.42 -10.55 -3.23
N VAL A 181 -7.55 -9.23 -3.06
CA VAL A 181 -6.69 -8.45 -2.19
C VAL A 181 -7.43 -8.10 -0.90
N ILE A 182 -6.71 -8.14 0.22
CA ILE A 182 -7.28 -7.74 1.52
C ILE A 182 -7.33 -6.22 1.66
N THR A 183 -8.54 -5.68 1.59
CA THR A 183 -8.78 -4.23 1.58
C THR A 183 -9.17 -3.73 2.97
N VAL A 184 -8.40 -2.78 3.47
CA VAL A 184 -8.50 -2.35 4.87
C VAL A 184 -8.95 -0.90 5.00
N GLY A 185 -10.09 -0.69 5.66
CA GLY A 185 -10.56 0.63 6.05
C GLY A 185 -9.98 1.05 7.40
N ALA A 186 -10.09 2.33 7.73
CA ALA A 186 -9.49 2.89 8.95
C ALA A 186 -10.51 3.20 10.06
N THR A 187 -10.22 2.74 11.27
CA THR A 187 -10.99 3.12 12.46
C THR A 187 -10.12 3.87 13.46
N ASN A 188 -10.75 4.66 14.32
CA ASN A 188 -10.04 5.43 15.35
C ASN A 188 -10.06 4.76 16.74
N ALA A 189 -9.61 5.47 17.76
CA ALA A 189 -9.54 4.95 19.13
C ALA A 189 -10.91 4.64 19.76
N GLN A 190 -11.96 5.18 19.17
CA GLN A 190 -13.34 4.90 19.57
C GLN A 190 -13.95 3.75 18.74
N ASP A 191 -13.11 3.10 17.93
CA ASP A 191 -13.50 2.03 16.99
C ASP A 191 -14.47 2.52 15.90
N GLN A 192 -14.45 3.81 15.65
CA GLN A 192 -15.34 4.40 14.68
C GLN A 192 -14.57 4.75 13.40
N PRO A 193 -15.27 4.81 12.26
CA PRO A 193 -14.56 5.06 11.00
C PRO A 193 -13.86 6.42 11.02
N VAL A 194 -12.59 6.45 10.65
CA VAL A 194 -11.80 7.68 10.67
C VAL A 194 -12.46 8.76 9.80
N THR A 195 -12.67 9.93 10.40
CA THR A 195 -13.23 11.11 9.72
C THR A 195 -12.09 12.09 9.51
N LEU A 196 -11.42 11.96 8.37
CA LEU A 196 -10.14 12.63 8.11
C LEU A 196 -10.27 14.15 7.96
N GLY A 197 -11.53 14.61 7.86
CA GLY A 197 -11.88 16.03 7.98
C GLY A 197 -13.09 16.36 7.13
N THR A 198 -12.79 16.84 5.92
CA THR A 198 -13.76 16.95 4.86
C THR A 198 -14.17 15.55 4.36
N LEU A 199 -13.23 14.59 4.49
CA LEU A 199 -13.41 13.23 3.98
C LEU A 199 -13.26 12.17 5.10
N GLY A 200 -12.58 11.06 4.80
CA GLY A 200 -12.43 9.97 5.75
C GLY A 200 -12.22 8.62 5.09
N THR A 201 -12.39 7.55 5.86
CA THR A 201 -12.20 6.20 5.32
C THR A 201 -13.25 5.80 4.29
N ASN A 202 -12.80 5.10 3.26
CA ASN A 202 -13.72 4.43 2.32
C ASN A 202 -14.47 3.27 2.98
N PHE A 203 -15.57 2.87 2.35
CA PHE A 203 -16.47 1.88 2.91
C PHE A 203 -17.01 0.99 1.79
N GLY A 204 -18.00 0.15 2.12
CA GLY A 204 -18.71 -0.64 1.12
C GLY A 204 -18.28 -2.08 1.05
N ARG A 205 -18.86 -2.82 0.10
CA ARG A 205 -18.64 -4.26 -0.06
C ARG A 205 -17.20 -4.66 -0.41
N CYS A 206 -16.45 -3.74 -1.02
CA CYS A 206 -15.06 -4.01 -1.41
C CYS A 206 -14.08 -3.93 -0.23
N VAL A 207 -14.52 -3.35 0.88
CA VAL A 207 -13.72 -3.33 2.12
C VAL A 207 -13.89 -4.67 2.83
N ASP A 208 -12.78 -5.27 3.24
CA ASP A 208 -12.78 -6.56 3.90
C ASP A 208 -12.88 -6.43 5.41
N LEU A 209 -12.17 -5.45 5.96
CA LEU A 209 -12.16 -5.19 7.39
C LEU A 209 -11.61 -3.79 7.68
N PHE A 210 -11.66 -3.40 8.95
CA PHE A 210 -11.08 -2.15 9.41
C PHE A 210 -9.94 -2.45 10.39
N ALA A 211 -9.01 -1.52 10.51
CA ALA A 211 -7.94 -1.62 11.50
C ALA A 211 -7.56 -0.20 11.94
N PRO A 212 -6.86 -0.06 13.09
CA PRO A 212 -6.45 1.27 13.58
C PRO A 212 -5.76 2.11 12.51
N GLY A 213 -6.30 3.30 12.25
CA GLY A 213 -5.82 4.17 11.18
C GLY A 213 -5.77 5.65 11.51
N GLU A 214 -5.96 5.99 12.79
CA GLU A 214 -5.85 7.38 13.25
C GLU A 214 -4.85 7.46 14.39
N ASP A 215 -4.06 8.54 14.42
CA ASP A 215 -3.09 8.81 15.48
C ASP A 215 -2.17 7.61 15.75
N ILE A 216 -1.51 7.13 14.70
CA ILE A 216 -0.61 5.98 14.77
C ILE A 216 0.84 6.44 14.96
N ILE A 217 1.38 6.18 16.15
CA ILE A 217 2.77 6.51 16.45
C ILE A 217 3.67 5.57 15.66
N GLY A 218 4.65 6.16 14.97
CA GLY A 218 5.62 5.41 14.19
C GLY A 218 6.85 6.20 13.77
N ALA A 219 7.79 5.50 13.14
CA ALA A 219 9.07 6.06 12.70
C ALA A 219 8.92 7.34 11.87
N SER A 220 9.59 8.40 12.30
CA SER A 220 9.66 9.64 11.55
C SER A 220 11.00 9.75 10.83
N SER A 221 10.98 10.17 9.56
CA SER A 221 12.22 10.36 8.80
C SER A 221 12.87 11.71 9.10
N HIS A 222 12.32 12.42 10.09
CA HIS A 222 12.89 13.66 10.55
C HIS A 222 14.28 13.44 11.15
N CYS A 223 14.42 12.33 11.88
CA CYS A 223 15.71 11.87 12.37
C CYS A 223 15.56 10.37 12.68
N SER A 224 16.68 9.69 12.90
CA SER A 224 16.65 8.22 13.00
C SER A 224 16.18 7.69 14.35
N THR A 225 15.91 8.59 15.28
CA THR A 225 15.35 8.25 16.59
C THR A 225 14.06 9.05 16.81
N CYS A 226 13.52 9.56 15.71
CA CYS A 226 12.35 10.42 15.70
C CYS A 226 11.05 9.66 15.44
N PHE A 227 9.98 10.12 16.08
CA PHE A 227 8.68 9.49 15.96
C PHE A 227 7.60 10.52 15.63
N VAL A 228 6.57 10.06 14.94
CA VAL A 228 5.51 10.95 14.46
C VAL A 228 4.20 10.20 14.54
N SER A 229 3.11 10.93 14.72
CA SER A 229 1.77 10.34 14.66
C SER A 229 1.10 10.61 13.30
N GLN A 230 0.73 9.54 12.59
CA GLN A 230 0.14 9.69 11.25
C GLN A 230 -1.20 8.94 11.13
N SER A 231 -2.03 9.36 10.18
CA SER A 231 -3.36 8.77 9.98
C SER A 231 -3.59 8.39 8.52
N GLY A 232 -4.42 7.37 8.31
CA GLY A 232 -4.87 7.00 6.97
C GLY A 232 -5.17 5.53 6.85
N THR A 233 -5.77 5.13 5.72
CA THR A 233 -6.02 3.71 5.45
C THR A 233 -4.72 2.97 5.11
N SER A 234 -3.68 3.71 4.72
CA SER A 234 -2.32 3.15 4.61
C SER A 234 -1.85 2.55 5.94
N GLN A 235 -2.04 3.31 7.01
CA GLN A 235 -1.63 2.91 8.36
C GLN A 235 -2.46 1.72 8.81
N ALA A 236 -3.73 1.71 8.43
CA ALA A 236 -4.63 0.62 8.78
C ALA A 236 -4.22 -0.66 8.04
N ALA A 237 -3.88 -0.54 6.75
CA ALA A 237 -3.40 -1.67 5.96
C ALA A 237 -2.08 -2.22 6.51
N ALA A 238 -1.17 -1.32 6.91
CA ALA A 238 0.09 -1.72 7.55
C ALA A 238 -0.12 -2.63 8.77
N HIS A 239 -1.17 -2.36 9.56
CA HIS A 239 -1.51 -3.15 10.75
C HIS A 239 -1.90 -4.57 10.35
N VAL A 240 -2.74 -4.67 9.32
CA VAL A 240 -3.19 -5.96 8.82
C VAL A 240 -2.04 -6.75 8.17
N ALA A 241 -1.15 -6.04 7.47
CA ALA A 241 0.06 -6.63 6.91
C ALA A 241 0.95 -7.18 8.03
N GLY A 242 1.04 -6.43 9.14
CA GLY A 242 1.76 -6.87 10.33
C GLY A 242 1.15 -8.09 10.99
N ILE A 243 -0.19 -8.10 11.09
CA ILE A 243 -0.93 -9.22 11.66
C ILE A 243 -0.77 -10.48 10.81
N ALA A 244 -0.84 -10.32 9.49
CA ALA A 244 -0.63 -11.43 8.56
C ALA A 244 0.77 -12.01 8.69
N ALA A 245 1.78 -11.14 8.74
CA ALA A 245 3.17 -11.54 8.97
C ALA A 245 3.33 -12.34 10.27
N MET A 246 2.67 -11.87 11.33
CA MET A 246 2.66 -12.56 12.63
C MET A 246 2.02 -13.94 12.51
N MET A 247 0.88 -14.00 11.84
CA MET A 247 0.14 -15.25 11.66
C MET A 247 0.92 -16.29 10.85
N LEU A 248 1.73 -15.80 9.92
CA LEU A 248 2.46 -16.66 8.98
C LEU A 248 3.84 -17.07 9.52
N SER A 249 4.36 -16.35 10.51
CA SER A 249 5.57 -16.77 11.22
C SER A 249 5.28 -18.01 12.04
N ALA A 250 4.12 -18.01 12.68
CA ALA A 250 3.68 -19.12 13.53
C ALA A 250 3.12 -20.27 12.69
N GLU A 251 2.70 -19.95 11.47
CA GLU A 251 2.16 -20.95 10.53
C GLU A 251 2.51 -20.64 9.08
N PRO A 252 3.73 -21.02 8.64
CA PRO A 252 4.18 -20.74 7.28
C PRO A 252 3.35 -21.40 6.19
N GLU A 253 2.67 -22.49 6.53
CA GLU A 253 1.95 -23.30 5.55
C GLU A 253 0.46 -22.96 5.41
N LEU A 254 0.05 -21.85 6.01
CA LEU A 254 -1.31 -21.34 5.83
C LEU A 254 -1.54 -20.93 4.36
N THR A 255 -2.71 -21.28 3.83
CA THR A 255 -3.11 -20.83 2.50
C THR A 255 -3.73 -19.43 2.62
N LEU A 256 -3.92 -18.77 1.48
CA LEU A 256 -4.51 -17.43 1.45
C LEU A 256 -5.96 -17.45 1.96
N ALA A 257 -6.70 -18.47 1.56
CA ALA A 257 -8.10 -18.61 1.98
C ALA A 257 -8.23 -18.83 3.49
N GLU A 258 -7.28 -19.57 4.07
CA GLU A 258 -7.28 -19.87 5.50
C GLU A 258 -6.88 -18.66 6.36
N LEU A 259 -5.92 -17.87 5.87
CA LEU A 259 -5.47 -16.66 6.55
C LEU A 259 -6.58 -15.62 6.60
N ARG A 260 -7.28 -15.47 5.48
CA ARG A 260 -8.39 -14.54 5.35
C ARG A 260 -9.53 -14.88 6.32
N GLN A 261 -9.84 -16.17 6.41
CA GLN A 261 -10.86 -16.62 7.35
CA GLN A 261 -10.85 -16.70 7.35
C GLN A 261 -10.41 -16.52 8.80
N ARG A 262 -9.11 -16.68 9.04
CA ARG A 262 -8.52 -16.48 10.37
C ARG A 262 -8.62 -15.00 10.78
N LEU A 263 -8.42 -14.11 9.81
CA LEU A 263 -8.53 -12.67 10.03
C LEU A 263 -9.96 -12.25 10.40
N ILE A 264 -10.94 -12.71 9.63
CA ILE A 264 -12.35 -12.44 9.91
C ILE A 264 -12.77 -13.02 11.28
N HIS A 265 -12.37 -14.26 11.53
CA HIS A 265 -12.68 -14.94 12.78
C HIS A 265 -12.18 -14.18 14.02
N PHE A 266 -10.94 -13.71 13.98
CA PHE A 266 -10.32 -13.11 15.16
C PHE A 266 -10.54 -11.61 15.31
N SER A 267 -11.20 -11.00 14.32
CA SER A 267 -11.60 -9.59 14.36
C SER A 267 -12.67 -9.33 15.42
N ALA A 268 -12.67 -8.10 15.95
CA ALA A 268 -13.76 -7.64 16.81
C ALA A 268 -14.99 -7.35 15.96
N LYS A 269 -16.15 -7.80 16.43
CA LYS A 269 -17.36 -7.73 15.64
C LYS A 269 -18.39 -6.80 16.26
N ASP A 270 -19.17 -6.17 15.39
CA ASP A 270 -20.28 -5.28 15.77
CA ASP A 270 -20.27 -5.27 15.77
C ASP A 270 -19.86 -4.24 16.81
N VAL A 271 -18.75 -3.55 16.56
CA VAL A 271 -18.22 -2.56 17.48
C VAL A 271 -18.18 -1.16 16.81
N ILE A 272 -18.36 -1.16 15.50
CA ILE A 272 -18.47 0.06 14.71
C ILE A 272 -19.94 0.48 14.61
N ASN A 273 -20.20 1.76 14.88
CA ASN A 273 -21.54 2.32 14.66
C ASN A 273 -21.74 2.58 13.18
N GLU A 274 -22.40 1.64 12.52
CA GLU A 274 -22.58 1.66 11.06
C GLU A 274 -23.47 2.79 10.54
N ALA A 275 -24.05 3.58 11.45
CA ALA A 275 -24.80 4.79 11.08
C ALA A 275 -23.94 5.83 10.34
N TRP A 276 -22.63 5.77 10.56
CA TRP A 276 -21.64 6.65 9.93
C TRP A 276 -21.56 6.45 8.41
N PHE A 277 -21.84 5.22 7.97
CA PHE A 277 -21.84 4.87 6.54
C PHE A 277 -23.14 5.32 5.89
N PRO A 278 -23.12 5.57 4.56
CA PRO A 278 -24.39 5.86 3.89
C PRO A 278 -25.32 4.64 3.99
N GLU A 279 -26.63 4.87 4.00
CA GLU A 279 -27.59 3.77 4.17
C GLU A 279 -27.41 2.68 3.10
N ASP A 280 -27.10 3.12 1.87
CA ASP A 280 -26.62 2.25 0.79
C ASP A 280 -25.68 1.15 1.23
N GLN A 281 -24.71 1.53 2.07
CA GLN A 281 -23.49 0.77 2.27
C GLN A 281 -23.45 -0.01 3.59
N ARG A 282 -24.41 0.21 4.46
CA ARG A 282 -24.38 -0.35 5.82
C ARG A 282 -24.50 -1.87 5.87
N VAL A 283 -25.23 -2.46 4.94
CA VAL A 283 -25.43 -3.91 4.93
C VAL A 283 -24.18 -4.63 4.43
N LEU A 284 -23.50 -4.04 3.45
CA LEU A 284 -22.39 -4.70 2.78
C LEU A 284 -21.01 -4.38 3.36
N THR A 285 -20.90 -3.25 4.07
CA THR A 285 -19.67 -2.88 4.78
C THR A 285 -19.51 -3.77 6.00
N PRO A 286 -18.38 -4.50 6.09
CA PRO A 286 -18.17 -5.42 7.20
C PRO A 286 -17.92 -4.70 8.52
N ASN A 287 -18.60 -5.14 9.57
CA ASN A 287 -18.41 -4.58 10.89
C ASN A 287 -17.33 -5.37 11.64
N LEU A 288 -16.09 -5.18 11.20
CA LEU A 288 -14.95 -5.95 11.67
C LEU A 288 -13.78 -5.02 11.92
N VAL A 289 -13.13 -5.19 13.07
CA VAL A 289 -11.88 -4.50 13.36
C VAL A 289 -10.81 -5.54 13.67
N ALA A 290 -9.75 -5.53 12.86
CA ALA A 290 -8.66 -6.51 12.93
C ALA A 290 -8.05 -6.68 14.33
N ALA A 291 -7.74 -7.93 14.65
CA ALA A 291 -7.03 -8.26 15.89
C ALA A 291 -6.15 -9.48 15.68
N LEU A 292 -5.10 -9.58 16.47
CA LEU A 292 -4.26 -10.77 16.54
C LEU A 292 -4.99 -11.92 17.25
N PRO A 293 -4.62 -13.18 16.93
CA PRO A 293 -5.04 -14.34 17.75
C PRO A 293 -4.52 -14.26 19.19
N PRO A 294 -5.29 -14.81 20.16
CA PRO A 294 -4.87 -14.82 21.58
C PRO A 294 -3.66 -15.72 21.88
N SER A 295 -3.08 -15.54 23.06
CA SER A 295 -1.96 -16.39 23.54
C SER A 295 -2.38 -17.27 24.72
N LEU B 21 11.49 12.20 44.36
CA LEU B 21 11.46 13.09 43.19
C LEU B 21 11.88 12.41 41.89
N TYR B 22 11.28 12.85 40.79
CA TYR B 22 11.65 12.39 39.46
C TYR B 22 13.03 12.91 39.06
N PHE B 23 13.87 12.04 38.53
CA PHE B 23 15.21 12.43 38.12
C PHE B 23 15.40 12.60 36.60
N GLN B 24 15.53 11.50 35.85
CA GLN B 24 15.99 11.64 34.45
C GLN B 24 15.19 11.02 33.30
N GLY B 25 14.69 9.81 33.48
CA GLY B 25 13.98 9.15 32.39
C GLY B 25 14.26 7.66 32.38
N ALA B 26 15.45 7.31 31.87
CA ALA B 26 16.00 5.96 31.97
C ALA B 26 17.00 5.69 30.86
N MET B 27 16.52 5.16 29.74
CA MET B 27 17.36 4.48 28.76
C MET B 27 16.70 3.13 28.61
N GLY B 28 16.27 2.81 27.40
CA GLY B 28 15.39 1.68 27.20
C GLY B 28 13.94 2.10 27.34
N THR B 29 13.72 3.31 27.87
CA THR B 29 12.39 3.92 27.86
C THR B 29 12.25 4.85 26.66
N ASN B 30 11.28 4.53 25.81
CA ASN B 30 10.91 5.35 24.68
C ASN B 30 9.65 6.16 25.02
N GLU B 31 9.84 7.42 25.39
CA GLU B 31 8.74 8.27 25.86
C GLU B 31 7.77 8.66 24.76
N CYS B 32 8.19 8.48 23.51
CA CYS B 32 7.35 8.76 22.35
C CYS B 32 6.20 7.76 22.22
N LEU B 33 6.37 6.59 22.82
CA LEU B 33 5.36 5.52 22.82
C LEU B 33 4.12 5.90 23.64
N ASP B 34 4.24 6.88 24.51
CA ASP B 34 3.11 7.45 25.18
C ASP B 34 2.63 8.74 24.56
N ASN B 35 1.68 8.63 23.64
CA ASN B 35 1.04 9.76 23.02
C ASN B 35 2.01 10.70 22.38
N ASN B 36 2.87 10.14 21.56
CA ASN B 36 4.00 10.82 20.97
C ASN B 36 4.75 11.76 21.86
N GLY B 37 4.91 11.40 23.11
CA GLY B 37 5.67 12.27 24.01
C GLY B 37 4.89 13.50 24.45
N GLY B 38 3.66 13.63 23.97
CA GLY B 38 2.86 14.86 24.14
C GLY B 38 3.27 15.94 23.14
N CYS B 39 4.14 15.57 22.19
CA CYS B 39 4.61 16.47 21.15
C CYS B 39 3.54 16.61 20.09
N SER B 40 3.38 17.82 19.54
CA SER B 40 2.35 18.09 18.54
C SER B 40 2.76 17.56 17.17
N HIS B 41 4.07 17.43 16.97
CA HIS B 41 4.59 16.98 15.68
C HIS B 41 5.56 15.83 15.86
N VAL B 42 6.85 16.14 15.95
CA VAL B 42 7.90 15.13 16.04
C VAL B 42 8.37 14.93 17.48
N CYS B 43 8.41 13.67 17.89
CA CYS B 43 8.99 13.29 19.16
C CYS B 43 10.34 12.63 18.90
N ASN B 44 11.37 13.13 19.58
CA ASN B 44 12.72 12.58 19.47
C ASN B 44 13.10 11.81 20.72
N ASP B 45 13.20 10.49 20.59
CA ASP B 45 13.57 9.63 21.70
C ASP B 45 15.08 9.67 21.94
N LEU B 46 15.47 10.43 22.96
CA LEU B 46 16.88 10.62 23.30
C LEU B 46 17.44 9.47 24.14
N LYS B 47 18.76 9.36 24.17
CA LYS B 47 19.47 8.47 25.08
C LYS B 47 18.87 8.54 26.49
N ILE B 48 18.82 9.75 27.02
CA ILE B 48 18.18 10.03 28.30
C ILE B 48 17.05 11.03 28.07
N GLY B 49 15.84 10.62 28.42
CA GLY B 49 14.66 11.45 28.22
C GLY B 49 14.25 11.56 26.76
N TYR B 50 13.72 12.72 26.39
CA TYR B 50 13.30 12.98 25.03
C TYR B 50 13.12 14.49 24.82
N GLU B 51 12.80 14.86 23.59
CA GLU B 51 12.51 16.24 23.24
C GLU B 51 11.47 16.30 22.11
N CYS B 52 10.81 17.43 21.99
CA CYS B 52 9.86 17.64 20.89
C CYS B 52 10.50 18.48 19.79
N LEU B 53 10.26 18.08 18.56
CA LEU B 53 10.82 18.74 17.40
C LEU B 53 9.72 19.28 16.47
N CYS B 54 10.10 20.23 15.61
CA CYS B 54 9.17 20.90 14.72
C CYS B 54 9.65 20.84 13.26
N PRO B 55 8.72 20.91 12.31
CA PRO B 55 9.14 21.13 10.91
C PRO B 55 9.58 22.58 10.68
N ASP B 56 10.24 22.83 9.54
CA ASP B 56 10.71 24.17 9.18
C ASP B 56 9.56 25.18 9.17
N GLY B 57 9.82 26.36 9.73
CA GLY B 57 8.84 27.44 9.77
C GLY B 57 7.94 27.42 10.99
N PHE B 58 8.36 26.66 12.01
CA PHE B 58 7.60 26.51 13.25
C PHE B 58 8.51 26.71 14.47
N GLN B 59 7.94 27.27 15.53
CA GLN B 59 8.64 27.43 16.79
C GLN B 59 7.99 26.53 17.84
N LEU B 60 8.82 25.88 18.66
CA LEU B 60 8.31 25.04 19.73
C LEU B 60 7.90 25.90 20.92
N VAL B 61 6.64 25.80 21.31
CA VAL B 61 6.10 26.58 22.43
C VAL B 61 5.81 25.65 23.62
N ALA B 62 6.24 26.08 24.82
CA ALA B 62 6.03 25.32 26.06
C ALA B 62 6.60 23.89 25.98
N GLN B 63 7.69 23.76 25.21
CA GLN B 63 8.45 22.52 25.02
C GLN B 63 7.68 21.41 24.29
N ARG B 64 6.45 21.68 23.87
CA ARG B 64 5.55 20.63 23.33
C ARG B 64 4.90 20.95 21.99
N ARG B 65 4.47 22.20 21.80
CA ARG B 65 3.63 22.58 20.64
C ARG B 65 4.33 23.50 19.64
N CYS B 66 4.32 23.08 18.37
CA CYS B 66 4.81 23.92 17.28
C CYS B 66 3.73 24.90 16.82
N GLU B 67 4.16 26.12 16.51
CA GLU B 67 3.26 27.18 16.10
C GLU B 67 3.86 28.03 14.98
N THR C 23 -14.29 -8.50 -28.40
CA THR C 23 -13.59 -7.44 -29.12
C THR C 23 -12.71 -6.73 -28.10
N ALA C 24 -11.54 -6.27 -28.53
CA ALA C 24 -10.62 -5.55 -27.64
C ALA C 24 -11.23 -4.21 -27.21
N THR C 25 -11.22 -3.97 -25.90
CA THR C 25 -11.81 -2.75 -25.32
C THR C 25 -10.75 -1.79 -24.77
N PHE C 26 -11.08 -0.50 -24.77
CA PHE C 26 -10.20 0.53 -24.21
C PHE C 26 -10.70 0.96 -22.84
N HIS C 27 -9.77 1.12 -21.90
CA HIS C 27 -10.12 1.50 -20.52
C HIS C 27 -9.32 2.71 -20.08
N ARG C 28 -9.98 3.58 -19.30
CA ARG C 28 -9.36 4.78 -18.76
C ARG C 28 -9.90 5.03 -17.35
N CYS C 29 -9.19 5.86 -16.60
CA CYS C 29 -9.62 6.25 -15.27
C CYS C 29 -10.88 7.11 -15.33
N ALA C 30 -11.87 6.75 -14.50
CA ALA C 30 -13.14 7.47 -14.43
C ALA C 30 -12.98 8.88 -13.87
N LYS C 31 -11.87 9.11 -13.15
CA LYS C 31 -11.58 10.43 -12.59
CA LYS C 31 -11.57 10.42 -12.59
C LYS C 31 -10.57 11.15 -13.47
N ASP C 32 -11.08 12.09 -14.28
CA ASP C 32 -10.31 12.81 -15.30
C ASP C 32 -8.96 13.35 -14.84
N PRO C 33 -8.91 14.06 -13.69
CA PRO C 33 -7.64 14.57 -13.18
C PRO C 33 -6.53 13.53 -13.00
N TRP C 34 -6.89 12.26 -12.81
CA TRP C 34 -5.91 11.21 -12.52
C TRP C 34 -5.47 10.43 -13.77
N ARG C 35 -6.04 10.76 -14.91
CA ARG C 35 -5.67 10.13 -16.17
C ARG C 35 -4.26 10.52 -16.57
N LEU C 36 -3.55 9.59 -17.19
CA LEU C 36 -2.25 9.88 -17.77
C LEU C 36 -2.26 9.50 -19.24
N PRO C 37 -2.90 10.35 -20.09
CA PRO C 37 -3.06 10.01 -21.52
C PRO C 37 -1.73 9.95 -22.26
N GLY C 38 -1.67 9.09 -23.27
CA GLY C 38 -0.46 8.96 -24.08
C GLY C 38 0.42 7.81 -23.65
N THR C 39 0.07 7.18 -22.52
CA THR C 39 0.75 6.00 -22.07
C THR C 39 -0.30 4.91 -21.82
N TYR C 40 -0.04 3.74 -22.38
CA TYR C 40 -1.04 2.67 -22.41
C TYR C 40 -0.40 1.33 -22.12
N VAL C 41 -1.10 0.53 -21.33
CA VAL C 41 -0.72 -0.86 -21.13
C VAL C 41 -1.58 -1.68 -22.09
N VAL C 42 -0.92 -2.26 -23.08
CA VAL C 42 -1.56 -3.18 -24.00
C VAL C 42 -1.52 -4.56 -23.36
N VAL C 43 -2.69 -5.06 -22.98
CA VAL C 43 -2.79 -6.35 -22.29
C VAL C 43 -3.26 -7.43 -23.26
N LEU C 44 -2.45 -8.48 -23.37
CA LEU C 44 -2.74 -9.57 -24.29
C LEU C 44 -3.51 -10.69 -23.62
N LYS C 45 -4.11 -11.57 -24.42
CA LYS C 45 -4.88 -12.70 -23.90
C LYS C 45 -4.02 -13.62 -23.04
N GLU C 46 -4.67 -14.31 -22.11
CA GLU C 46 -4.03 -14.96 -20.96
C GLU C 46 -2.77 -15.82 -21.23
N GLU C 47 -2.86 -16.74 -22.18
CA GLU C 47 -1.76 -17.68 -22.40
C GLU C 47 -0.87 -17.34 -23.59
N THR C 48 -0.80 -16.05 -23.91
CA THR C 48 0.08 -15.50 -24.94
C THR C 48 1.54 -15.61 -24.51
N HIS C 49 2.39 -16.14 -25.39
CA HIS C 49 3.81 -16.30 -25.10
C HIS C 49 4.59 -14.99 -25.22
N LEU C 50 5.75 -14.93 -24.58
CA LEU C 50 6.62 -13.75 -24.61
C LEU C 50 7.04 -13.38 -26.04
N SER C 51 7.33 -14.38 -26.86
CA SER C 51 7.68 -14.17 -28.26
C SER C 51 6.54 -13.49 -29.03
N GLN C 52 5.30 -13.88 -28.70
CA GLN C 52 4.11 -13.30 -29.33
C GLN C 52 3.88 -11.85 -28.92
N SER C 53 4.19 -11.53 -27.65
CA SER C 53 4.05 -10.18 -27.12
CA SER C 53 4.05 -10.18 -27.12
C SER C 53 5.03 -9.22 -27.78
N GLU C 54 6.26 -9.69 -27.99
CA GLU C 54 7.29 -8.91 -28.65
C GLU C 54 6.96 -8.71 -30.13
N ARG C 55 6.39 -9.74 -30.76
CA ARG C 55 5.96 -9.66 -32.16
CA ARG C 55 5.95 -9.67 -32.15
C ARG C 55 4.85 -8.62 -32.35
N THR C 56 3.89 -8.60 -31.42
CA THR C 56 2.78 -7.66 -31.43
C THR C 56 3.26 -6.22 -31.21
N ALA C 57 4.23 -6.06 -30.31
CA ALA C 57 4.83 -4.75 -30.04
C ALA C 57 5.55 -4.22 -31.27
N ARG C 58 6.32 -5.11 -31.92
CA ARG C 58 6.99 -4.79 -33.17
C ARG C 58 6.03 -4.43 -34.30
N ARG C 59 4.91 -5.16 -34.40
CA ARG C 59 3.84 -4.84 -35.36
C ARG C 59 3.26 -3.44 -35.12
N LEU C 60 2.95 -3.13 -33.87
CA LEU C 60 2.48 -1.80 -33.49
C LEU C 60 3.42 -0.68 -33.99
N GLN C 61 4.71 -0.81 -33.67
CA GLN C 61 5.73 0.14 -34.09
C GLN C 61 5.82 0.26 -35.61
N ALA C 62 5.87 -0.88 -36.29
CA ALA C 62 5.99 -0.91 -37.75
C ALA C 62 4.78 -0.30 -38.46
N GLN C 63 3.57 -0.69 -38.04
CA GLN C 63 2.32 -0.13 -38.60
C GLN C 63 2.21 1.37 -38.39
N ALA C 64 2.58 1.83 -37.19
CA ALA C 64 2.51 3.25 -36.84
C ALA C 64 3.49 4.11 -37.63
N ALA C 65 4.75 3.68 -37.68
CA ALA C 65 5.81 4.37 -38.44
C ALA C 65 5.40 4.64 -39.89
N ARG C 66 4.84 3.62 -40.54
CA ARG C 66 4.40 3.73 -41.93
C ARG C 66 3.22 4.69 -42.11
N ARG C 67 2.46 4.91 -41.03
CA ARG C 67 1.41 5.91 -41.03
C ARG C 67 1.90 7.27 -40.51
N GLY C 68 3.18 7.34 -40.16
CA GLY C 68 3.83 8.60 -39.78
C GLY C 68 3.96 8.87 -38.30
N TYR C 69 3.87 7.82 -37.48
CA TYR C 69 3.88 7.97 -36.03
C TYR C 69 5.06 7.29 -35.31
N LEU C 70 5.66 8.03 -34.39
CA LEU C 70 6.64 7.47 -33.46
C LEU C 70 5.90 6.78 -32.30
N THR C 71 6.30 5.55 -32.00
CA THR C 71 5.86 4.85 -30.79
C THR C 71 7.09 4.42 -30.00
N LYS C 72 6.97 4.45 -28.68
CA LYS C 72 8.04 4.01 -27.79
C LYS C 72 7.56 2.86 -26.93
N ILE C 73 8.19 1.70 -27.09
CA ILE C 73 7.94 0.57 -26.21
C ILE C 73 8.82 0.75 -24.96
N LEU C 74 8.18 0.99 -23.81
CA LEU C 74 8.90 1.29 -22.57
C LEU C 74 9.21 0.04 -21.76
N HIS C 75 8.35 -0.96 -21.88
CA HIS C 75 8.45 -2.17 -21.08
C HIS C 75 7.64 -3.28 -21.71
N VAL C 76 8.22 -4.48 -21.72
CA VAL C 76 7.51 -5.67 -22.15
C VAL C 76 7.32 -6.53 -20.93
N PHE C 77 6.08 -6.91 -20.67
CA PHE C 77 5.77 -7.74 -19.52
C PHE C 77 6.01 -9.23 -19.78
N HIS C 78 6.67 -9.87 -18.82
CA HIS C 78 6.72 -11.33 -18.75
C HIS C 78 6.83 -11.79 -17.30
N GLY C 79 5.69 -12.15 -16.73
CA GLY C 79 5.63 -12.66 -15.37
C GLY C 79 4.23 -12.66 -14.81
N LEU C 80 3.65 -11.47 -14.67
CA LEU C 80 2.30 -11.37 -14.15
C LEU C 80 1.29 -11.55 -15.26
N LEU C 81 1.41 -10.72 -16.29
CA LEU C 81 0.47 -10.76 -17.41
C LEU C 81 1.19 -10.54 -18.75
N PRO C 82 0.58 -11.05 -19.85
CA PRO C 82 1.13 -10.78 -21.18
C PRO C 82 0.78 -9.38 -21.64
N GLY C 83 1.78 -8.65 -22.12
CA GLY C 83 1.56 -7.32 -22.68
C GLY C 83 2.78 -6.43 -22.65
N PHE C 84 2.57 -5.15 -22.90
CA PHE C 84 3.65 -4.18 -22.95
C PHE C 84 3.16 -2.76 -22.67
N LEU C 85 4.09 -1.91 -22.25
CA LEU C 85 3.81 -0.52 -21.97
C LEU C 85 4.32 0.34 -23.13
N VAL C 86 3.41 1.11 -23.73
CA VAL C 86 3.74 1.93 -24.90
C VAL C 86 3.39 3.40 -24.71
N LYS C 87 4.27 4.28 -25.20
CA LYS C 87 4.04 5.71 -25.24
C LYS C 87 3.80 6.10 -26.70
N MET C 88 2.65 6.73 -26.97
CA MET C 88 2.23 7.03 -28.35
C MET C 88 1.06 8.04 -28.41
N SER C 89 0.69 8.40 -29.63
CA SER C 89 -0.51 9.20 -29.87
C SER C 89 -1.77 8.36 -29.64
N GLY C 90 -2.80 9.00 -29.08
CA GLY C 90 -4.12 8.37 -28.93
C GLY C 90 -4.79 8.04 -30.27
N ASP C 91 -4.39 8.73 -31.34
CA ASP C 91 -4.84 8.41 -32.72
C ASP C 91 -4.66 6.94 -33.05
N LEU C 92 -3.68 6.31 -32.39
CA LEU C 92 -3.25 4.96 -32.75
C LEU C 92 -3.96 3.87 -31.96
N LEU C 93 -4.90 4.28 -31.11
CA LEU C 93 -5.67 3.32 -30.31
C LEU C 93 -6.52 2.38 -31.18
N GLU C 94 -7.08 2.92 -32.26
CA GLU C 94 -7.84 2.12 -33.22
C GLU C 94 -7.01 0.97 -33.80
N LEU C 95 -5.82 1.29 -34.28
CA LEU C 95 -4.95 0.28 -34.88
C LEU C 95 -4.47 -0.72 -33.84
N ALA C 96 -4.14 -0.23 -32.63
CA ALA C 96 -3.63 -1.06 -31.56
C ALA C 96 -4.67 -2.07 -31.04
N LEU C 97 -5.92 -1.62 -30.96
CA LEU C 97 -7.04 -2.48 -30.58
C LEU C 97 -7.31 -3.57 -31.62
N LYS C 98 -6.78 -3.38 -32.83
CA LYS C 98 -6.95 -4.35 -33.92
C LYS C 98 -5.78 -5.32 -34.04
N LEU C 99 -4.77 -5.13 -33.20
CA LEU C 99 -3.58 -5.99 -33.19
C LEU C 99 -3.93 -7.39 -32.68
N PRO C 100 -3.19 -8.42 -33.14
CA PRO C 100 -3.49 -9.77 -32.67
C PRO C 100 -3.15 -9.99 -31.20
N HIS C 101 -3.88 -10.91 -30.57
CA HIS C 101 -3.69 -11.32 -29.17
C HIS C 101 -4.20 -10.31 -28.13
N VAL C 102 -4.57 -9.11 -28.58
CA VAL C 102 -4.98 -8.04 -27.67
C VAL C 102 -6.29 -8.38 -26.94
N ASP C 103 -6.24 -8.34 -25.62
CA ASP C 103 -7.40 -8.50 -24.77
C ASP C 103 -8.05 -7.13 -24.52
N TYR C 104 -7.26 -6.20 -23.99
CA TYR C 104 -7.71 -4.84 -23.76
C TYR C 104 -6.52 -3.86 -23.66
N ILE C 105 -6.84 -2.57 -23.75
CA ILE C 105 -5.84 -1.52 -23.59
C ILE C 105 -6.30 -0.56 -22.50
N GLU C 106 -5.42 -0.31 -21.54
CA GLU C 106 -5.71 0.62 -20.46
C GLU C 106 -4.76 1.80 -20.47
N GLU C 107 -5.34 3.00 -20.51
CA GLU C 107 -4.60 4.24 -20.36
C GLU C 107 -4.07 4.35 -18.93
N ASP C 108 -2.79 4.70 -18.80
CA ASP C 108 -2.14 4.84 -17.49
C ASP C 108 -2.88 5.87 -16.63
N SER C 109 -2.76 5.74 -15.32
CA SER C 109 -3.32 6.70 -14.39
C SER C 109 -2.48 6.80 -13.11
N SER C 110 -2.75 7.84 -12.33
CA SER C 110 -2.07 8.12 -11.06
C SER C 110 -2.54 7.26 -9.90
N VAL C 111 -1.60 6.93 -9.01
CA VAL C 111 -1.90 6.34 -7.70
C VAL C 111 -1.30 7.24 -6.63
N PHE C 112 -1.87 7.18 -5.44
CA PHE C 112 -1.51 8.11 -4.38
C PHE C 112 -1.36 7.39 -3.07
N ALA C 113 -0.32 7.75 -2.32
CA ALA C 113 -0.18 7.41 -0.91
C ALA C 113 -1.45 7.73 -0.13
N GLN C 114 -1.91 6.76 0.65
CA GLN C 114 -3.11 6.91 1.47
C GLN C 114 -2.75 7.06 2.95
#